data_6END
#
_entry.id   6END
#
_cell.length_a   78.410
_cell.length_b   87.135
_cell.length_c   99.580
_cell.angle_alpha   90.000
_cell.angle_beta   90.000
_cell.angle_gamma   90.000
#
_symmetry.space_group_name_H-M   'P 21 21 21'
#
loop_
_entity.id
_entity.type
_entity.pdbx_description
1 polymer 'Leukotriene A-4 hydrolase'
2 non-polymer 'ZINC ION'
3 non-polymer 'ACETATE ION'
4 non-polymer 'YTTERBIUM (III) ION'
5 non-polymer IMIDAZOLE
6 non-polymer 4-([1,3]thiazolo[4,5-b]pyridin-2-yloxy)benzaldehyde
7 water water
#
_entity_poly.entity_id   1
_entity_poly.type   'polypeptide(L)'
_entity_poly.pdbx_seq_one_letter_code
;GPGPEIVDTCSLASPASVCRTKHLHLRCSVDFTRRTLTGTAALTVQSQEDNLRSLVLDTKDLTIEKVVINGQEVKYALGE
RQSYKGSPMEISLPIALSKNQEIVIEISFETSPKSSALQWLTPEQTSGKEHPYLFSQCQAIHCRAILPCQDTPSVKLTYT
AEVSVPKELVALMSAIRDGETPDPEDPSRKIYKFIQKVPIPCYLIALVVGALESRQIGPRTLVWSEKEQVEKSAYEFSET
ESMLKIAEDLGGPYVWGQYDLLVLPPSFPYGGMENPCLTFVTPTLLAGDKSLSNVIAHEISHSWTGNLVTNKTWDHFWLN
EGHTVYLERHICGRLFGEKFRHFNALGGWGELQNSVKTFGETHPFTKLVVDLTDIDPDVAYSSVPYEKGFALLFYLEQLL
GGPEIFLGFLKAYVEKFSYKSITTDDWKDFLYSYFKDKVDVLNQVDWNAWLYSPGLPPIKPNYDMTLTNACIALSQRWIT
AKEDDLNSFNATDLKDLSSHQLNEFLAQTLQRAPLPLGHIKRMQEVYNFNAINNSEIRFRWLRLCIQSKWEDAIPLALKM
ATEQGRMKFTRPLFKDLAAFDKSHDQAVRTYQEHKASMHPVTAMLVGKDLKVD
;
_entity_poly.pdbx_strand_id   A
#
# COMPACT_ATOMS: atom_id res chain seq x y z
N VAL A 7 19.81 6.89 -11.13
CA VAL A 7 19.23 6.01 -12.15
C VAL A 7 18.11 5.10 -11.61
N ASP A 8 16.91 5.16 -12.23
CA ASP A 8 15.76 4.32 -11.87
C ASP A 8 15.74 3.08 -12.77
N THR A 9 16.11 1.91 -12.19
CA THR A 9 16.20 0.64 -12.91
C THR A 9 14.89 -0.07 -13.27
N CYS A 10 13.77 0.40 -12.69
CA CYS A 10 12.40 -0.10 -12.89
C CYS A 10 11.67 0.64 -14.00
N SER A 11 12.26 1.71 -14.55
CA SER A 11 11.62 2.50 -15.59
C SER A 11 12.41 2.49 -16.88
N LEU A 12 11.72 2.47 -18.03
CA LEU A 12 12.32 2.48 -19.37
C LEU A 12 12.17 3.90 -19.97
N ALA A 13 11.42 4.79 -19.31
CA ALA A 13 11.24 6.16 -19.78
C ALA A 13 12.56 6.98 -19.69
N SER A 14 12.59 8.16 -20.36
CA SER A 14 13.73 9.08 -20.29
C SER A 14 13.85 9.48 -18.82
N PRO A 15 15.06 9.59 -18.24
CA PRO A 15 15.14 10.00 -16.82
C PRO A 15 14.89 11.50 -16.63
N ALA A 16 14.82 11.95 -15.36
CA ALA A 16 14.52 13.34 -14.99
C ALA A 16 15.59 14.34 -15.44
N SER A 17 16.81 13.85 -15.73
CA SER A 17 17.96 14.62 -16.19
C SER A 17 17.82 14.97 -17.68
N VAL A 18 16.93 14.27 -18.40
CA VAL A 18 16.68 14.49 -19.84
C VAL A 18 15.44 15.39 -20.06
N CYS A 19 14.31 15.00 -19.48
CA CYS A 19 13.03 15.73 -19.56
C CYS A 19 12.19 15.39 -18.35
N ARG A 20 11.33 16.33 -17.93
CA ARG A 20 10.44 16.18 -16.77
C ARG A 20 9.00 16.50 -17.13
N THR A 21 8.09 15.57 -16.82
CA THR A 21 6.65 15.80 -16.99
C THR A 21 6.25 16.77 -15.85
N LYS A 22 5.53 17.84 -16.19
CA LYS A 22 5.12 18.84 -15.22
C LYS A 22 3.62 18.75 -14.95
N HIS A 23 2.86 18.29 -15.95
CA HIS A 23 1.40 18.23 -15.86
C HIS A 23 0.82 17.15 -16.74
N LEU A 24 -0.32 16.62 -16.32
CA LEU A 24 -1.09 15.66 -17.09
C LEU A 24 -2.50 16.13 -17.20
N HIS A 25 -2.99 16.23 -18.42
CA HIS A 25 -4.41 16.47 -18.60
C HIS A 25 -4.98 15.18 -19.21
N LEU A 26 -5.73 14.43 -18.39
CA LEU A 26 -6.35 13.16 -18.78
C LEU A 26 -7.82 13.34 -19.13
N ARG A 27 -8.19 12.87 -20.33
CA ARG A 27 -9.57 12.91 -20.83
C ARG A 27 -9.89 11.47 -21.23
N CYS A 28 -10.71 10.77 -20.45
CA CYS A 28 -11.02 9.38 -20.77
C CYS A 28 -12.46 8.95 -20.55
N SER A 29 -12.79 7.79 -21.09
CA SER A 29 -14.10 7.18 -20.97
C SER A 29 -13.86 5.76 -20.49
N VAL A 30 -14.69 5.31 -19.52
CA VAL A 30 -14.63 3.97 -18.93
C VAL A 30 -15.68 3.09 -19.67
N ASP A 31 -15.21 2.13 -20.48
CA ASP A 31 -16.11 1.21 -21.21
C ASP A 31 -16.18 -0.12 -20.45
N PHE A 32 -17.30 -0.37 -19.75
CA PHE A 32 -17.42 -1.60 -18.95
C PHE A 32 -17.65 -2.86 -19.76
N THR A 33 -18.30 -2.75 -20.94
CA THR A 33 -18.59 -3.91 -21.80
C THR A 33 -17.31 -4.43 -22.43
N ARG A 34 -16.37 -3.50 -22.73
CA ARG A 34 -15.08 -3.82 -23.33
C ARG A 34 -13.95 -3.97 -22.31
N ARG A 35 -14.16 -3.52 -21.04
CA ARG A 35 -13.16 -3.48 -19.95
C ARG A 35 -11.90 -2.67 -20.35
N THR A 36 -12.14 -1.53 -21.01
CA THR A 36 -11.08 -0.64 -21.46
C THR A 36 -11.30 0.79 -20.98
N LEU A 37 -10.19 1.49 -20.81
CA LEU A 37 -10.12 2.91 -20.53
C LEU A 37 -9.56 3.46 -21.86
N THR A 38 -10.28 4.38 -22.50
CA THR A 38 -9.86 4.93 -23.78
C THR A 38 -9.83 6.43 -23.65
N GLY A 39 -8.81 7.08 -24.21
CA GLY A 39 -8.75 8.54 -24.17
C GLY A 39 -7.45 9.17 -24.55
N THR A 40 -7.27 10.41 -24.11
CA THR A 40 -6.05 11.17 -24.39
C THR A 40 -5.35 11.54 -23.11
N ALA A 41 -4.03 11.43 -23.14
CA ALA A 41 -3.18 11.84 -22.06
C ALA A 41 -2.30 12.96 -22.65
N ALA A 42 -2.56 14.22 -22.27
CA ALA A 42 -1.75 15.37 -22.73
C ALA A 42 -0.73 15.68 -21.63
N LEU A 43 0.52 15.39 -21.95
CA LEU A 43 1.62 15.58 -21.02
C LEU A 43 2.38 16.87 -21.34
N THR A 44 2.50 17.75 -20.35
CA THR A 44 3.32 18.95 -20.52
C THR A 44 4.70 18.48 -20.10
N VAL A 45 5.62 18.46 -21.05
CA VAL A 45 6.97 17.96 -20.79
C VAL A 45 7.96 19.11 -20.95
N GLN A 46 8.90 19.23 -19.99
CA GLN A 46 9.95 20.24 -20.02
C GLN A 46 11.29 19.59 -20.29
N SER A 47 12.00 20.08 -21.29
CA SER A 47 13.32 19.59 -21.63
C SER A 47 14.33 19.97 -20.55
N GLN A 48 15.25 19.05 -20.24
CA GLN A 48 16.30 19.33 -19.28
C GLN A 48 17.65 19.45 -20.01
N GLU A 49 17.65 19.17 -21.31
CA GLU A 49 18.83 19.17 -22.17
C GLU A 49 18.66 20.12 -23.34
N ASP A 50 19.77 20.52 -23.94
CA ASP A 50 19.83 21.30 -25.16
C ASP A 50 19.57 20.36 -26.33
N ASN A 51 18.96 20.86 -27.43
CA ASN A 51 18.73 20.12 -28.67
C ASN A 51 18.04 18.75 -28.48
N LEU A 52 16.99 18.71 -27.65
CA LEU A 52 16.27 17.46 -27.38
C LEU A 52 15.35 17.16 -28.54
N ARG A 53 15.48 15.95 -29.14
CA ARG A 53 14.72 15.55 -30.33
C ARG A 53 13.79 14.35 -30.16
N SER A 54 13.96 13.62 -29.06
CA SER A 54 13.13 12.47 -28.72
C SER A 54 13.09 12.27 -27.24
N LEU A 55 12.07 11.57 -26.80
CA LEU A 55 11.88 11.17 -25.42
C LEU A 55 11.21 9.81 -25.36
N VAL A 56 11.41 9.10 -24.25
CA VAL A 56 10.86 7.76 -24.11
C VAL A 56 9.89 7.75 -22.95
N LEU A 57 8.73 7.13 -23.13
CA LEU A 57 7.73 6.95 -22.08
C LEU A 57 7.50 5.46 -21.82
N ASP A 58 7.04 5.14 -20.61
CA ASP A 58 6.71 3.78 -20.19
C ASP A 58 5.27 3.48 -20.63
N THR A 59 5.05 2.26 -21.14
CA THR A 59 3.73 1.75 -21.53
C THR A 59 3.68 0.28 -21.10
N LYS A 60 2.50 -0.25 -20.83
CA LYS A 60 2.32 -1.67 -20.48
C LYS A 60 0.96 -2.10 -20.94
N ASP A 61 0.92 -2.88 -22.04
CA ASP A 61 -0.28 -3.44 -22.68
C ASP A 61 -1.27 -2.35 -23.09
N LEU A 62 -0.74 -1.24 -23.58
CA LEU A 62 -1.53 -0.11 -24.05
C LEU A 62 -1.62 -0.19 -25.56
N THR A 63 -2.75 0.23 -26.11
CA THR A 63 -2.91 0.31 -27.55
C THR A 63 -2.76 1.80 -27.88
N ILE A 64 -1.75 2.15 -28.68
CA ILE A 64 -1.53 3.55 -29.04
C ILE A 64 -2.16 3.84 -30.39
N GLU A 65 -3.08 4.81 -30.40
CA GLU A 65 -3.77 5.23 -31.63
C GLU A 65 -2.90 6.23 -32.40
N LYS A 66 -2.35 7.25 -31.71
CA LYS A 66 -1.54 8.33 -32.28
C LYS A 66 -0.95 9.26 -31.20
N VAL A 67 0.07 10.05 -31.60
CA VAL A 67 0.73 11.06 -30.78
C VAL A 67 0.65 12.39 -31.57
N VAL A 68 0.16 13.44 -30.91
CA VAL A 68 -0.09 14.74 -31.51
C VAL A 68 0.71 15.86 -30.81
N ILE A 69 1.53 16.59 -31.58
CA ILE A 69 2.33 17.73 -31.10
C ILE A 69 2.09 18.85 -32.09
N ASN A 70 1.72 20.03 -31.59
CA ASN A 70 1.45 21.20 -32.43
C ASN A 70 0.30 20.99 -33.44
N GLY A 71 -0.63 20.08 -33.11
CA GLY A 71 -1.80 19.81 -33.93
C GLY A 71 -1.60 18.81 -35.06
N GLN A 72 -0.42 18.20 -35.15
CA GLN A 72 -0.10 17.24 -36.20
C GLN A 72 0.36 15.90 -35.62
N GLU A 73 0.13 14.79 -36.36
CA GLU A 73 0.55 13.45 -35.94
C GLU A 73 2.08 13.35 -36.07
N VAL A 74 2.73 12.74 -35.08
CA VAL A 74 4.18 12.57 -35.05
C VAL A 74 4.53 11.08 -35.03
N LYS A 75 5.77 10.78 -35.42
CA LYS A 75 6.29 9.42 -35.41
C LYS A 75 6.65 9.00 -34.00
N TYR A 76 6.32 7.76 -33.70
CA TYR A 76 6.56 7.14 -32.43
C TYR A 76 6.84 5.67 -32.70
N ALA A 77 7.50 4.99 -31.76
CA ALA A 77 7.83 3.60 -31.94
C ALA A 77 7.75 2.89 -30.62
N LEU A 78 7.17 1.72 -30.64
CA LEU A 78 7.03 0.88 -29.48
C LEU A 78 8.07 -0.21 -29.50
N GLY A 79 8.87 -0.25 -28.44
CA GLY A 79 9.93 -1.24 -28.30
C GLY A 79 9.40 -2.58 -27.85
N GLU A 80 10.28 -3.58 -27.78
CA GLU A 80 9.96 -4.93 -27.35
C GLU A 80 9.60 -4.96 -25.85
N ARG A 81 8.60 -5.76 -25.46
CA ARG A 81 8.20 -5.86 -24.07
C ARG A 81 9.33 -6.43 -23.21
N GLN A 82 9.59 -5.76 -22.09
CA GLN A 82 10.63 -6.14 -21.14
C GLN A 82 9.96 -6.59 -19.85
N SER A 83 9.33 -7.79 -19.92
CA SER A 83 8.65 -8.43 -18.80
C SER A 83 7.66 -7.49 -18.08
N TYR A 84 7.78 -7.35 -16.74
CA TYR A 84 6.97 -6.53 -15.84
C TYR A 84 7.16 -5.02 -16.08
N LYS A 85 8.31 -4.61 -16.69
CA LYS A 85 8.59 -3.19 -17.00
C LYS A 85 7.73 -2.64 -18.14
N GLY A 86 7.21 -3.52 -18.99
CA GLY A 86 6.40 -3.16 -20.13
C GLY A 86 7.22 -2.84 -21.37
N SER A 87 6.69 -1.94 -22.20
CA SER A 87 7.29 -1.58 -23.48
C SER A 87 7.68 -0.12 -23.54
N PRO A 88 8.91 0.21 -24.03
CA PRO A 88 9.27 1.63 -24.13
C PRO A 88 8.59 2.27 -25.36
N MET A 89 8.14 3.52 -25.19
CA MET A 89 7.51 4.25 -26.28
C MET A 89 8.39 5.46 -26.59
N GLU A 90 9.15 5.38 -27.68
CA GLU A 90 10.02 6.47 -28.09
C GLU A 90 9.26 7.38 -29.06
N ILE A 91 9.25 8.70 -28.80
CA ILE A 91 8.50 9.66 -29.62
C ILE A 91 9.45 10.62 -30.29
N SER A 92 9.32 10.82 -31.61
CA SER A 92 10.16 11.74 -32.37
C SER A 92 9.49 13.12 -32.37
N LEU A 93 10.12 14.08 -31.71
CA LEU A 93 9.59 15.46 -31.62
C LEU A 93 9.73 16.18 -32.97
N PRO A 94 8.75 17.02 -33.41
CA PRO A 94 8.87 17.69 -34.72
C PRO A 94 9.93 18.79 -34.80
N ILE A 95 10.26 19.39 -33.66
CA ILE A 95 11.22 20.50 -33.54
C ILE A 95 12.04 20.26 -32.28
N ALA A 96 13.38 20.38 -32.40
CA ALA A 96 14.33 20.22 -31.32
C ALA A 96 14.07 21.26 -30.24
N LEU A 97 14.14 20.82 -28.97
CA LEU A 97 13.88 21.68 -27.83
C LEU A 97 15.16 22.16 -27.13
N SER A 98 15.14 23.41 -26.66
CA SER A 98 16.24 23.97 -25.87
C SER A 98 15.99 23.61 -24.40
N LYS A 99 17.02 23.69 -23.54
CA LYS A 99 16.84 23.39 -22.11
C LYS A 99 15.81 24.35 -21.52
N ASN A 100 14.84 23.80 -20.75
CA ASN A 100 13.74 24.53 -20.10
C ASN A 100 12.55 24.79 -20.98
N GLN A 101 12.60 24.36 -22.26
CA GLN A 101 11.48 24.51 -23.17
C GLN A 101 10.41 23.48 -22.83
N GLU A 102 9.14 23.93 -22.82
CA GLU A 102 7.98 23.11 -22.49
C GLU A 102 7.10 22.91 -23.70
N ILE A 103 6.67 21.66 -23.91
CA ILE A 103 5.73 21.34 -25.00
C ILE A 103 4.64 20.46 -24.45
N VAL A 104 3.52 20.35 -25.19
CA VAL A 104 2.38 19.53 -24.83
C VAL A 104 2.31 18.36 -25.81
N ILE A 105 2.43 17.13 -25.29
CA ILE A 105 2.37 15.92 -26.10
C ILE A 105 1.06 15.19 -25.75
N GLU A 106 0.12 15.12 -26.69
CA GLU A 106 -1.19 14.47 -26.52
C GLU A 106 -1.19 13.07 -27.14
N ILE A 107 -1.41 12.06 -26.30
CA ILE A 107 -1.39 10.67 -26.74
C ILE A 107 -2.74 10.04 -26.67
N SER A 108 -3.21 9.51 -27.81
CA SER A 108 -4.46 8.77 -27.91
C SER A 108 -4.15 7.33 -27.55
N PHE A 109 -4.79 6.80 -26.51
CA PHE A 109 -4.48 5.45 -26.05
C PHE A 109 -5.75 4.70 -25.62
N GLU A 110 -5.58 3.39 -25.41
CA GLU A 110 -6.55 2.45 -24.92
C GLU A 110 -5.84 1.44 -24.01
N THR A 111 -6.45 1.09 -22.88
CA THR A 111 -5.86 0.11 -21.95
C THR A 111 -6.25 -1.30 -22.37
N SER A 112 -5.53 -2.29 -21.84
CA SER A 112 -5.88 -3.70 -22.05
C SER A 112 -6.88 -4.12 -20.98
N PRO A 113 -7.84 -5.05 -21.26
CA PRO A 113 -8.70 -5.53 -20.18
C PRO A 113 -7.90 -6.28 -19.10
N LYS A 114 -6.65 -6.71 -19.43
CA LYS A 114 -5.73 -7.41 -18.53
C LYS A 114 -4.68 -6.48 -17.85
N SER A 115 -4.88 -5.14 -17.94
CA SER A 115 -4.07 -4.10 -17.26
C SER A 115 -3.81 -4.51 -15.80
N SER A 116 -2.54 -4.55 -15.42
CA SER A 116 -2.14 -4.93 -14.07
C SER A 116 -2.43 -3.82 -13.03
N ALA A 117 -2.85 -2.63 -13.49
CA ALA A 117 -3.21 -1.48 -12.64
C ALA A 117 -4.65 -1.57 -12.20
N LEU A 118 -5.50 -2.20 -13.01
CA LEU A 118 -6.93 -2.22 -12.81
C LEU A 118 -7.54 -3.55 -12.42
N GLN A 119 -8.75 -3.47 -11.86
CA GLN A 119 -9.62 -4.59 -11.58
C GLN A 119 -11.03 -4.14 -11.92
N TRP A 120 -11.63 -4.84 -12.88
CA TRP A 120 -12.99 -4.66 -13.39
C TRP A 120 -13.82 -5.71 -12.69
N LEU A 121 -14.81 -5.26 -11.95
CA LEU A 121 -15.67 -6.17 -11.19
C LEU A 121 -17.05 -6.17 -11.79
N THR A 122 -17.61 -7.36 -11.96
CA THR A 122 -18.95 -7.56 -12.50
C THR A 122 -19.96 -7.21 -11.39
N PRO A 123 -21.25 -6.92 -11.71
CA PRO A 123 -22.24 -6.66 -10.64
C PRO A 123 -22.23 -7.64 -9.45
N GLU A 124 -22.10 -8.95 -9.72
CA GLU A 124 -22.05 -10.07 -8.77
C GLU A 124 -20.93 -9.93 -7.73
N GLN A 125 -19.81 -9.30 -8.12
CA GLN A 125 -18.63 -9.07 -7.29
C GLN A 125 -18.72 -7.87 -6.36
N THR A 126 -19.81 -7.09 -6.45
CA THR A 126 -20.03 -5.89 -5.64
C THR A 126 -21.06 -6.13 -4.48
N SER A 127 -21.30 -5.11 -3.64
CA SER A 127 -22.27 -5.16 -2.55
C SER A 127 -23.69 -5.03 -3.10
N GLY A 128 -23.88 -4.09 -4.03
CA GLY A 128 -25.20 -3.79 -4.61
C GLY A 128 -25.79 -4.81 -5.55
N LYS A 129 -24.92 -5.50 -6.34
CA LYS A 129 -25.27 -6.56 -7.32
C LYS A 129 -25.97 -6.05 -8.60
N GLU A 130 -26.08 -4.73 -8.75
CA GLU A 130 -26.76 -4.15 -9.91
C GLU A 130 -25.79 -3.46 -10.86
N HIS A 131 -24.61 -3.07 -10.36
CA HIS A 131 -23.65 -2.31 -11.13
C HIS A 131 -22.24 -2.84 -11.09
N PRO A 132 -21.48 -2.65 -12.20
CA PRO A 132 -20.06 -3.02 -12.17
C PRO A 132 -19.25 -2.01 -11.33
N TYR A 133 -17.96 -2.28 -11.20
CA TYR A 133 -17.09 -1.43 -10.40
C TYR A 133 -15.72 -1.46 -11.04
N LEU A 134 -14.97 -0.40 -10.88
CA LEU A 134 -13.61 -0.33 -11.39
C LEU A 134 -12.75 0.42 -10.37
N PHE A 135 -11.55 -0.10 -10.10
CA PHE A 135 -10.58 0.59 -9.26
C PHE A 135 -9.15 0.40 -9.76
N SER A 136 -8.28 1.37 -9.46
CA SER A 136 -6.89 1.28 -9.84
C SER A 136 -6.03 1.10 -8.61
N GLN A 137 -4.76 0.74 -8.88
CA GLN A 137 -3.69 0.57 -7.91
C GLN A 137 -2.38 0.65 -8.73
N CYS A 138 -1.78 1.86 -8.78
CA CYS A 138 -0.57 2.15 -9.55
C CYS A 138 0.74 1.85 -8.86
N GLN A 139 0.80 1.85 -7.55
CA GLN A 139 2.01 1.54 -6.80
C GLN A 139 2.42 0.06 -6.94
N ALA A 140 3.67 -0.22 -7.29
CA ALA A 140 4.75 0.75 -7.58
C ALA A 140 4.79 1.28 -9.00
N ILE A 141 4.70 0.35 -9.98
CA ILE A 141 4.93 0.69 -11.38
C ILE A 141 3.80 0.23 -12.34
N HIS A 142 2.55 0.46 -11.92
CA HIS A 142 1.38 0.11 -12.73
C HIS A 142 0.71 1.29 -13.40
N CYS A 143 1.21 2.52 -13.18
CA CYS A 143 0.65 3.67 -13.88
C CYS A 143 0.85 3.54 -15.39
N ARG A 144 1.97 2.89 -15.82
CA ARG A 144 2.28 2.66 -17.24
C ARG A 144 1.25 1.75 -17.95
N ALA A 145 0.50 0.98 -17.16
CA ALA A 145 -0.56 0.06 -17.59
C ALA A 145 -1.90 0.81 -17.72
N ILE A 146 -1.93 2.09 -17.32
CA ILE A 146 -3.10 2.95 -17.47
C ILE A 146 -2.80 3.97 -18.57
N LEU A 147 -1.68 4.67 -18.50
CA LEU A 147 -1.37 5.72 -19.47
C LEU A 147 0.13 5.82 -19.80
N PRO A 148 0.53 6.41 -20.95
CA PRO A 148 1.99 6.55 -21.22
C PRO A 148 2.55 7.68 -20.34
N CYS A 149 3.63 7.40 -19.61
CA CYS A 149 4.20 8.35 -18.65
C CYS A 149 5.65 7.98 -18.35
N GLN A 150 6.33 8.85 -17.55
CA GLN A 150 7.68 8.61 -17.02
C GLN A 150 7.31 7.94 -15.70
N ASP A 151 7.19 6.59 -15.72
CA ASP A 151 6.71 5.86 -14.54
C ASP A 151 7.79 5.66 -13.47
N THR A 152 8.17 6.78 -12.86
CA THR A 152 9.23 6.89 -11.87
C THR A 152 8.86 7.90 -10.80
N PRO A 153 9.17 7.61 -9.51
CA PRO A 153 8.82 8.59 -8.45
C PRO A 153 9.78 9.79 -8.38
N SER A 154 10.79 9.82 -9.26
CA SER A 154 11.75 10.92 -9.37
C SER A 154 11.15 12.13 -10.12
N VAL A 155 9.96 11.95 -10.73
CA VAL A 155 9.23 12.96 -11.48
C VAL A 155 7.92 13.20 -10.73
N LYS A 156 7.63 14.47 -10.45
CA LYS A 156 6.41 14.93 -9.77
C LYS A 156 5.66 15.90 -10.66
N LEU A 157 4.41 15.59 -10.91
CA LEU A 157 3.54 16.41 -11.76
C LEU A 157 2.22 16.74 -11.11
N THR A 158 1.52 17.76 -11.63
CA THR A 158 0.15 18.11 -11.22
C THR A 158 -0.75 17.47 -12.29
N TYR A 159 -2.05 17.35 -12.02
CA TYR A 159 -2.91 16.77 -13.03
C TYR A 159 -4.35 17.24 -12.99
N THR A 160 -5.00 17.23 -14.16
CA THR A 160 -6.43 17.48 -14.31
C THR A 160 -6.98 16.29 -15.06
N ALA A 161 -8.26 15.97 -14.84
CA ALA A 161 -8.88 14.84 -15.52
C ALA A 161 -10.36 14.99 -15.74
N GLU A 162 -10.85 14.44 -16.86
CA GLU A 162 -12.27 14.41 -17.26
C GLU A 162 -12.57 12.98 -17.61
N VAL A 163 -13.37 12.32 -16.78
CA VAL A 163 -13.68 10.89 -16.87
C VAL A 163 -15.17 10.68 -17.25
N SER A 164 -15.44 10.07 -18.43
CA SER A 164 -16.81 9.81 -18.85
C SER A 164 -17.20 8.42 -18.36
N VAL A 165 -18.29 8.37 -17.61
CA VAL A 165 -18.77 7.13 -16.98
C VAL A 165 -20.28 6.96 -17.19
N PRO A 166 -20.81 5.69 -17.20
CA PRO A 166 -22.27 5.52 -17.21
C PRO A 166 -22.91 6.43 -16.14
N LYS A 167 -23.97 7.18 -16.50
CA LYS A 167 -24.63 8.17 -15.64
C LYS A 167 -25.05 7.74 -14.25
N GLU A 168 -25.40 6.45 -14.10
CA GLU A 168 -25.80 5.84 -12.84
C GLU A 168 -24.60 5.63 -11.91
N LEU A 169 -23.38 5.74 -12.45
CA LEU A 169 -22.16 5.54 -11.67
C LEU A 169 -21.46 6.86 -11.26
N VAL A 170 -20.49 6.76 -10.34
CA VAL A 170 -19.72 7.88 -9.79
C VAL A 170 -18.24 7.62 -9.97
N ALA A 171 -17.50 8.60 -10.52
CA ALA A 171 -16.03 8.54 -10.64
C ALA A 171 -15.41 9.41 -9.54
N LEU A 172 -14.32 8.89 -8.95
CA LEU A 172 -13.50 9.55 -7.93
C LEU A 172 -12.04 9.32 -8.27
N MET A 173 -11.20 10.33 -7.99
CA MET A 173 -9.75 10.25 -8.23
C MET A 173 -9.00 10.78 -7.03
N SER A 174 -7.70 10.57 -7.00
CA SER A 174 -6.75 11.08 -6.02
C SER A 174 -6.54 12.59 -6.34
N ALA A 175 -7.65 13.35 -6.20
CA ALA A 175 -7.67 14.77 -6.56
C ALA A 175 -8.92 15.44 -6.00
N ILE A 176 -8.97 16.80 -6.11
CA ILE A 176 -10.12 17.60 -5.69
C ILE A 176 -11.21 17.45 -6.77
N ARG A 177 -12.47 17.17 -6.34
CA ARG A 177 -13.63 17.06 -7.24
C ARG A 177 -13.91 18.43 -7.79
N ASP A 178 -13.93 18.56 -9.10
CA ASP A 178 -14.10 19.83 -9.79
C ASP A 178 -15.37 19.91 -10.65
N GLY A 179 -16.37 19.09 -10.32
CA GLY A 179 -17.65 19.11 -11.01
C GLY A 179 -17.99 17.84 -11.78
N GLU A 180 -19.24 17.82 -12.27
CA GLU A 180 -19.85 16.76 -13.05
C GLU A 180 -20.91 17.36 -13.99
N THR A 181 -20.98 16.87 -15.24
CA THR A 181 -21.95 17.31 -16.25
C THR A 181 -22.39 16.11 -17.10
N PRO A 182 -23.55 16.14 -17.80
CA PRO A 182 -23.85 15.05 -18.74
C PRO A 182 -22.84 15.10 -19.90
N ASP A 183 -22.44 13.93 -20.43
CA ASP A 183 -21.50 13.83 -21.56
C ASP A 183 -22.21 14.32 -22.86
N PRO A 184 -21.68 15.38 -23.53
CA PRO A 184 -22.34 15.88 -24.76
C PRO A 184 -22.36 14.90 -25.95
N GLU A 185 -21.41 13.97 -25.98
CA GLU A 185 -21.24 12.94 -27.02
C GLU A 185 -22.06 11.67 -26.71
N ASP A 186 -22.78 11.61 -25.55
CA ASP A 186 -23.57 10.45 -25.09
C ASP A 186 -24.41 10.78 -23.82
N PRO A 187 -25.74 10.99 -23.95
CA PRO A 187 -26.57 11.32 -22.76
C PRO A 187 -26.71 10.25 -21.68
N SER A 188 -26.39 8.99 -21.99
CA SER A 188 -26.40 7.88 -21.04
C SER A 188 -25.14 7.93 -20.13
N ARG A 189 -24.22 8.91 -20.39
CA ARG A 189 -22.98 9.09 -19.66
C ARG A 189 -22.87 10.42 -18.93
N LYS A 190 -21.93 10.48 -17.98
CA LYS A 190 -21.65 11.65 -17.16
C LYS A 190 -20.14 11.91 -17.18
N ILE A 191 -19.75 13.18 -17.25
CA ILE A 191 -18.33 13.53 -17.15
C ILE A 191 -18.05 14.02 -15.73
N TYR A 192 -16.99 13.51 -15.14
CA TYR A 192 -16.57 13.92 -13.80
C TYR A 192 -15.24 14.60 -13.96
N LYS A 193 -15.11 15.78 -13.36
CA LYS A 193 -13.90 16.58 -13.47
C LYS A 193 -13.12 16.59 -12.17
N PHE A 194 -11.77 16.63 -12.28
CA PHE A 194 -10.83 16.52 -11.16
C PHE A 194 -9.61 17.41 -11.34
N ILE A 195 -9.10 17.94 -10.22
CA ILE A 195 -7.89 18.76 -10.17
C ILE A 195 -6.98 18.37 -9.02
N GLN A 196 -5.73 18.04 -9.34
CA GLN A 196 -4.68 17.80 -8.37
C GLN A 196 -3.63 18.90 -8.61
N LYS A 197 -3.63 19.93 -7.76
CA LYS A 197 -2.71 21.07 -7.92
C LYS A 197 -1.40 20.95 -7.18
N VAL A 198 -1.24 19.87 -6.42
CA VAL A 198 0.01 19.60 -5.69
C VAL A 198 0.83 18.59 -6.54
N PRO A 199 2.12 18.89 -6.89
CA PRO A 199 2.94 17.91 -7.64
C PRO A 199 3.05 16.56 -6.94
N ILE A 200 2.74 15.50 -7.69
CA ILE A 200 2.75 14.11 -7.19
C ILE A 200 3.50 13.17 -8.11
N PRO A 201 4.13 12.08 -7.56
CA PRO A 201 4.69 11.04 -8.46
C PRO A 201 3.48 10.29 -9.10
N CYS A 202 3.63 9.80 -10.33
CA CYS A 202 2.49 9.17 -11.03
C CYS A 202 1.87 7.90 -10.38
N TYR A 203 2.59 7.23 -9.44
CA TYR A 203 2.05 6.04 -8.77
C TYR A 203 0.87 6.41 -7.86
N LEU A 204 0.71 7.73 -7.56
CA LEU A 204 -0.35 8.29 -6.74
C LEU A 204 -1.63 8.66 -7.54
N ILE A 205 -1.61 8.45 -8.88
CA ILE A 205 -2.78 8.64 -9.73
C ILE A 205 -3.68 7.43 -9.43
N ALA A 206 -4.97 7.70 -9.16
CA ALA A 206 -5.94 6.68 -8.78
C ALA A 206 -7.33 7.03 -9.30
N LEU A 207 -8.10 6.00 -9.68
CA LEU A 207 -9.44 6.13 -10.23
C LEU A 207 -10.32 4.97 -9.74
N VAL A 208 -11.56 5.32 -9.35
CA VAL A 208 -12.60 4.39 -8.93
C VAL A 208 -13.90 4.81 -9.64
N VAL A 209 -14.60 3.82 -10.21
CA VAL A 209 -15.89 4.02 -10.85
C VAL A 209 -16.84 2.96 -10.26
N GLY A 210 -17.96 3.40 -9.71
CA GLY A 210 -18.95 2.50 -9.12
C GLY A 210 -20.15 3.23 -8.57
N ALA A 211 -21.11 2.46 -7.99
CA ALA A 211 -22.33 2.99 -7.38
C ALA A 211 -21.93 3.43 -5.98
N LEU A 212 -21.29 4.62 -5.92
CA LEU A 212 -20.73 5.14 -4.67
C LEU A 212 -21.59 6.16 -4.00
N GLU A 213 -21.59 6.14 -2.68
CA GLU A 213 -22.34 7.05 -1.83
C GLU A 213 -21.40 7.56 -0.74
N SER A 214 -21.67 8.76 -0.23
CA SER A 214 -20.81 9.37 0.78
C SER A 214 -21.55 9.88 1.99
N ARG A 215 -20.82 9.93 3.12
CA ARG A 215 -21.27 10.51 4.37
C ARG A 215 -20.09 11.32 4.91
N GLN A 216 -20.37 12.55 5.38
CA GLN A 216 -19.41 13.41 6.05
C GLN A 216 -19.11 12.87 7.46
N ILE A 217 -17.82 12.82 7.82
CA ILE A 217 -17.43 12.29 9.15
C ILE A 217 -16.51 13.23 9.93
N GLY A 218 -16.05 14.27 9.24
CA GLY A 218 -15.18 15.29 9.80
C GLY A 218 -15.28 16.57 9.01
N PRO A 219 -14.61 17.67 9.44
CA PRO A 219 -14.72 18.94 8.66
C PRO A 219 -14.06 18.90 7.27
N ARG A 220 -13.24 17.88 6.98
CA ARG A 220 -12.55 17.76 5.69
C ARG A 220 -12.52 16.33 5.20
N THR A 221 -13.48 15.50 5.71
CA THR A 221 -13.51 14.07 5.39
C THR A 221 -14.87 13.54 5.05
N LEU A 222 -14.99 12.90 3.90
CA LEU A 222 -16.18 12.14 3.54
C LEU A 222 -15.73 10.71 3.45
N VAL A 223 -16.58 9.80 3.89
CA VAL A 223 -16.29 8.40 3.72
C VAL A 223 -17.13 7.98 2.51
N TRP A 224 -16.52 7.30 1.54
CA TRP A 224 -17.17 6.84 0.32
C TRP A 224 -17.11 5.32 0.33
N SER A 225 -18.20 4.70 -0.17
CA SER A 225 -18.35 3.25 -0.31
CA SER A 225 -18.35 3.25 -0.28
C SER A 225 -19.70 2.98 -0.96
N GLU A 226 -19.99 1.70 -1.25
CA GLU A 226 -21.30 1.33 -1.77
C GLU A 226 -22.26 1.54 -0.58
N LYS A 227 -23.56 1.76 -0.86
CA LYS A 227 -24.62 2.03 0.13
C LYS A 227 -24.60 1.14 1.38
N GLU A 228 -24.41 -0.16 1.20
CA GLU A 228 -24.40 -1.18 2.26
C GLU A 228 -23.30 -1.00 3.30
N GLN A 229 -22.15 -0.37 2.97
CA GLN A 229 -21.04 -0.20 3.92
C GLN A 229 -20.88 1.22 4.51
N VAL A 230 -21.69 2.19 4.05
CA VAL A 230 -21.61 3.59 4.48
C VAL A 230 -21.66 3.80 5.99
N GLU A 231 -22.70 3.27 6.63
CA GLU A 231 -22.93 3.41 8.07
C GLU A 231 -21.81 2.75 8.90
N LYS A 232 -21.40 1.53 8.53
CA LYS A 232 -20.34 0.85 9.27
C LYS A 232 -19.01 1.59 9.15
N SER A 233 -18.70 2.09 7.93
CA SER A 233 -17.46 2.81 7.65
C SER A 233 -17.38 4.15 8.38
N ALA A 234 -18.52 4.89 8.43
CA ALA A 234 -18.60 6.18 9.13
C ALA A 234 -18.23 6.05 10.62
N TYR A 235 -18.69 4.97 11.29
CA TYR A 235 -18.39 4.70 12.68
C TYR A 235 -16.95 4.19 12.79
N GLU A 236 -16.56 3.21 11.97
CA GLU A 236 -15.21 2.63 12.00
C GLU A 236 -14.09 3.67 11.94
N PHE A 237 -14.23 4.67 11.05
CA PHE A 237 -13.22 5.70 10.83
C PHE A 237 -13.52 7.05 11.46
N SER A 238 -14.28 7.09 12.57
CA SER A 238 -14.64 8.36 13.23
C SER A 238 -13.48 9.13 13.88
N GLU A 239 -12.36 8.43 14.19
CA GLU A 239 -11.17 9.06 14.80
C GLU A 239 -10.31 9.78 13.74
N THR A 240 -10.66 9.69 12.44
CA THR A 240 -9.94 10.28 11.29
C THR A 240 -9.43 11.72 11.52
N GLU A 241 -10.34 12.60 11.91
CA GLU A 241 -10.07 14.02 12.17
C GLU A 241 -9.10 14.24 13.33
N SER A 242 -9.29 13.50 14.46
CA SER A 242 -8.39 13.60 15.61
CA SER A 242 -8.39 13.57 15.62
C SER A 242 -6.97 13.16 15.18
N MET A 243 -6.88 12.16 14.30
CA MET A 243 -5.58 11.69 13.79
C MET A 243 -4.91 12.71 12.85
N LEU A 244 -5.70 13.36 11.99
CA LEU A 244 -5.21 14.41 11.08
C LEU A 244 -4.61 15.57 11.86
N LYS A 245 -5.30 15.99 12.97
CA LYS A 245 -4.85 17.08 13.84
C LYS A 245 -3.47 16.77 14.47
N ILE A 246 -3.32 15.55 15.01
CA ILE A 246 -2.06 15.06 15.58
C ILE A 246 -0.99 14.99 14.50
N ALA A 247 -1.32 14.42 13.32
CA ALA A 247 -0.37 14.32 12.20
C ALA A 247 0.12 15.69 11.72
N GLU A 248 -0.78 16.70 11.68
CA GLU A 248 -0.44 18.09 11.33
C GLU A 248 0.49 18.70 12.38
N ASP A 249 0.35 18.29 13.63
CA ASP A 249 1.17 18.78 14.73
C ASP A 249 2.58 18.23 14.64
N LEU A 250 2.72 16.98 14.16
CA LEU A 250 3.98 16.28 14.02
C LEU A 250 4.72 16.57 12.71
N GLY A 251 3.99 16.70 11.61
CA GLY A 251 4.61 16.90 10.30
C GLY A 251 4.48 18.25 9.67
N GLY A 252 3.66 19.12 10.26
CA GLY A 252 3.42 20.45 9.73
C GLY A 252 2.10 20.52 8.99
N PRO A 253 1.86 21.53 8.14
CA PRO A 253 0.55 21.61 7.47
C PRO A 253 0.20 20.50 6.49
N TYR A 254 -1.10 20.17 6.48
CA TYR A 254 -1.73 19.24 5.57
C TYR A 254 -2.03 20.13 4.35
N VAL A 255 -1.36 19.87 3.23
CA VAL A 255 -1.39 20.70 2.01
C VAL A 255 -2.40 20.26 0.95
N TRP A 256 -3.06 19.12 1.18
CA TRP A 256 -3.92 18.44 0.21
C TRP A 256 -5.39 18.87 0.16
N GLY A 257 -5.79 19.77 1.05
CA GLY A 257 -7.16 20.27 1.13
C GLY A 257 -8.11 19.28 1.78
N GLN A 258 -8.51 18.27 1.02
CA GLN A 258 -9.45 17.24 1.45
C GLN A 258 -8.75 15.97 1.92
N TYR A 259 -9.35 15.26 2.91
CA TYR A 259 -8.90 13.95 3.37
C TYR A 259 -10.10 12.97 3.36
N ASP A 260 -10.46 12.48 2.17
CA ASP A 260 -11.57 11.56 2.03
C ASP A 260 -11.09 10.13 2.15
N LEU A 261 -12.02 9.20 2.46
CA LEU A 261 -11.71 7.77 2.56
C LEU A 261 -12.61 7.03 1.65
N LEU A 262 -12.08 6.03 0.98
CA LEU A 262 -12.88 5.19 0.10
C LEU A 262 -12.74 3.76 0.56
N VAL A 263 -13.88 3.11 0.86
CA VAL A 263 -13.89 1.70 1.27
C VAL A 263 -14.14 0.86 0.03
N LEU A 264 -13.10 0.15 -0.40
CA LEU A 264 -13.13 -0.63 -1.64
C LEU A 264 -13.87 -1.96 -1.52
N PRO A 265 -14.19 -2.67 -2.63
CA PRO A 265 -14.80 -4.00 -2.48
C PRO A 265 -13.75 -4.98 -1.91
N PRO A 266 -14.13 -6.20 -1.43
CA PRO A 266 -13.16 -7.07 -0.72
C PRO A 266 -11.85 -7.49 -1.38
N SER A 267 -11.77 -7.47 -2.73
CA SER A 267 -10.58 -7.85 -3.50
C SER A 267 -9.47 -6.80 -3.50
N PHE A 268 -9.66 -5.66 -2.80
CA PHE A 268 -8.61 -4.65 -2.73
C PHE A 268 -7.32 -5.31 -2.19
N PRO A 269 -6.20 -5.28 -2.95
CA PRO A 269 -5.00 -6.04 -2.53
C PRO A 269 -4.23 -5.60 -1.29
N TYR A 270 -4.39 -4.34 -0.84
CA TYR A 270 -3.65 -3.91 0.35
C TYR A 270 -4.57 -3.37 1.45
N GLY A 271 -3.98 -3.07 2.62
CA GLY A 271 -4.71 -2.53 3.75
C GLY A 271 -5.23 -1.14 3.49
N GLY A 272 -4.42 -0.35 2.81
CA GLY A 272 -4.73 1.02 2.47
C GLY A 272 -3.79 1.55 1.41
N MET A 273 -4.22 2.57 0.73
CA MET A 273 -3.33 3.16 -0.30
C MET A 273 -3.48 4.69 -0.18
N GLU A 274 -2.37 5.37 0.18
CA GLU A 274 -2.26 6.81 0.45
C GLU A 274 -2.52 7.76 -0.74
N ASN A 275 -3.53 7.48 -1.54
CA ASN A 275 -3.83 8.31 -2.70
C ASN A 275 -4.21 9.72 -2.26
N PRO A 276 -3.50 10.77 -2.79
CA PRO A 276 -3.78 12.15 -2.34
C PRO A 276 -5.25 12.50 -2.43
N CYS A 277 -5.82 13.05 -1.32
CA CYS A 277 -7.23 13.51 -1.19
C CYS A 277 -8.23 12.39 -1.00
N LEU A 278 -7.89 11.13 -1.36
CA LEU A 278 -8.81 10.02 -1.26
C LEU A 278 -8.08 8.70 -0.93
N THR A 279 -7.94 8.38 0.36
CA THR A 279 -7.26 7.13 0.78
C THR A 279 -8.14 5.93 0.46
N PHE A 280 -7.54 4.93 -0.18
CA PHE A 280 -8.22 3.68 -0.50
C PHE A 280 -8.03 2.72 0.66
N VAL A 281 -9.07 2.08 1.16
CA VAL A 281 -8.93 1.10 2.25
C VAL A 281 -9.65 -0.22 1.98
N THR A 282 -9.13 -1.29 2.58
CA THR A 282 -9.77 -2.61 2.55
C THR A 282 -11.03 -2.65 3.50
N PRO A 283 -12.15 -3.31 3.10
CA PRO A 283 -13.30 -3.44 4.02
C PRO A 283 -12.99 -4.41 5.16
N THR A 284 -11.80 -5.09 5.14
CA THR A 284 -11.39 -6.01 6.21
C THR A 284 -11.05 -5.22 7.49
N LEU A 285 -11.08 -3.88 7.42
CA LEU A 285 -10.83 -2.95 8.53
C LEU A 285 -12.11 -2.75 9.32
N LEU A 286 -13.26 -3.10 8.75
CA LEU A 286 -14.56 -2.95 9.35
C LEU A 286 -14.81 -3.99 10.45
N ALA A 287 -13.99 -3.93 11.51
CA ALA A 287 -14.02 -4.82 12.67
C ALA A 287 -15.24 -4.55 13.59
N GLY A 288 -15.79 -3.34 13.50
CA GLY A 288 -16.95 -2.92 14.29
C GLY A 288 -16.63 -2.19 15.59
N ASP A 289 -15.36 -2.04 15.95
CA ASP A 289 -14.95 -1.42 17.22
C ASP A 289 -13.80 -0.42 17.05
N LYS A 290 -13.43 -0.08 15.80
CA LYS A 290 -12.33 0.85 15.45
C LYS A 290 -10.94 0.27 15.84
N SER A 291 -10.84 -1.04 16.17
CA SER A 291 -9.55 -1.67 16.55
C SER A 291 -8.50 -1.72 15.43
N LEU A 292 -8.91 -1.64 14.16
CA LEU A 292 -7.97 -1.71 13.04
C LEU A 292 -7.65 -0.33 12.41
N SER A 293 -7.91 0.76 13.20
CA SER A 293 -7.69 2.17 12.81
C SER A 293 -6.22 2.59 12.62
N ASN A 294 -5.25 1.78 13.09
CA ASN A 294 -3.84 2.11 12.91
C ASN A 294 -3.46 2.27 11.42
N VAL A 295 -4.26 1.63 10.54
CA VAL A 295 -4.13 1.65 9.09
C VAL A 295 -4.52 3.05 8.58
N ILE A 296 -5.53 3.68 9.20
CA ILE A 296 -5.92 5.07 8.83
C ILE A 296 -4.81 6.01 9.26
N ALA A 297 -4.27 5.84 10.50
CA ALA A 297 -3.15 6.64 10.99
C ALA A 297 -1.92 6.52 10.03
N HIS A 298 -1.69 5.31 9.49
CA HIS A 298 -0.60 5.05 8.54
C HIS A 298 -0.90 5.79 7.23
N GLU A 299 -2.11 5.62 6.70
CA GLU A 299 -2.48 6.31 5.46
C GLU A 299 -2.43 7.86 5.56
N ILE A 300 -2.81 8.43 6.72
CA ILE A 300 -2.74 9.86 7.04
C ILE A 300 -1.28 10.32 7.08
N SER A 301 -0.40 9.53 7.73
CA SER A 301 1.02 9.85 7.89
C SER A 301 1.73 10.02 6.56
N HIS A 302 1.31 9.22 5.55
CA HIS A 302 1.87 9.23 4.18
C HIS A 302 1.68 10.57 3.46
N SER A 303 0.76 11.43 3.95
CA SER A 303 0.51 12.76 3.39
C SER A 303 1.73 13.71 3.53
N TRP A 304 2.70 13.28 4.36
CA TRP A 304 3.94 13.94 4.65
C TRP A 304 5.04 13.05 4.09
N THR A 305 5.14 11.83 4.64
CA THR A 305 6.17 10.86 4.32
C THR A 305 5.73 9.88 3.22
N GLY A 306 6.06 10.25 2.01
CA GLY A 306 5.70 9.47 0.83
C GLY A 306 5.13 10.39 -0.21
N ASN A 307 4.08 11.15 0.18
CA ASN A 307 3.39 12.08 -0.71
C ASN A 307 4.06 13.42 -0.91
N LEU A 308 4.66 13.97 0.16
CA LEU A 308 5.40 15.25 0.10
C LEU A 308 6.88 14.98 -0.12
N VAL A 309 7.48 14.10 0.72
CA VAL A 309 8.87 13.65 0.60
C VAL A 309 8.73 12.28 -0.01
N THR A 310 9.25 12.08 -1.22
CA THR A 310 9.09 10.81 -1.95
C THR A 310 10.44 10.14 -2.19
N ASN A 311 10.44 8.80 -2.28
CA ASN A 311 11.65 8.07 -2.63
C ASN A 311 11.94 8.34 -4.12
N LYS A 312 13.19 8.68 -4.45
CA LYS A 312 13.63 8.92 -5.82
C LYS A 312 13.51 7.66 -6.68
N THR A 313 13.81 6.45 -6.09
CA THR A 313 13.67 5.16 -6.79
C THR A 313 13.04 4.13 -5.84
N TRP A 314 12.64 2.97 -6.37
CA TRP A 314 12.06 1.93 -5.55
C TRP A 314 13.08 1.23 -4.66
N ASP A 315 14.40 1.45 -4.90
CA ASP A 315 15.46 0.93 -4.03
C ASP A 315 15.40 1.63 -2.66
N HIS A 316 14.81 2.84 -2.60
CA HIS A 316 14.73 3.69 -1.40
C HIS A 316 13.35 3.75 -0.76
N PHE A 317 12.48 2.78 -1.12
CA PHE A 317 11.10 2.61 -0.64
C PHE A 317 11.00 2.65 0.89
N TRP A 318 12.05 2.16 1.60
CA TRP A 318 12.09 2.21 3.07
C TRP A 318 11.93 3.64 3.62
N LEU A 319 12.41 4.66 2.88
CA LEU A 319 12.23 6.06 3.28
C LEU A 319 10.76 6.39 3.46
N ASN A 320 9.92 5.94 2.50
CA ASN A 320 8.47 6.15 2.52
C ASN A 320 7.84 5.40 3.64
N GLU A 321 8.16 4.10 3.75
CA GLU A 321 7.54 3.24 4.75
C GLU A 321 7.99 3.41 6.18
N GLY A 322 9.30 3.47 6.40
CA GLY A 322 9.90 3.59 7.73
C GLY A 322 9.41 4.80 8.51
N HIS A 323 9.45 5.97 7.84
CA HIS A 323 9.03 7.24 8.42
C HIS A 323 7.54 7.28 8.64
N THR A 324 6.76 6.62 7.74
CA THR A 324 5.29 6.52 7.86
C THR A 324 4.88 5.66 9.03
N VAL A 325 5.62 4.56 9.30
CA VAL A 325 5.30 3.70 10.45
C VAL A 325 5.65 4.43 11.77
N TYR A 326 6.79 5.14 11.74
CA TYR A 326 7.27 5.93 12.88
C TYR A 326 6.22 7.03 13.23
N LEU A 327 5.70 7.73 12.22
CA LEU A 327 4.66 8.76 12.44
C LEU A 327 3.35 8.10 12.90
N GLU A 328 3.00 6.94 12.28
CA GLU A 328 1.79 6.15 12.61
C GLU A 328 1.74 5.76 14.11
N ARG A 329 2.88 5.26 14.63
CA ARG A 329 2.99 4.83 16.02
C ARG A 329 2.99 6.03 16.98
N HIS A 330 3.47 7.21 16.53
CA HIS A 330 3.38 8.41 17.36
C HIS A 330 1.92 8.89 17.53
N ILE A 331 1.11 8.79 16.44
CA ILE A 331 -0.30 9.19 16.41
C ILE A 331 -1.07 8.29 17.37
N CYS A 332 -0.89 6.96 17.25
CA CYS A 332 -1.56 6.00 18.13
C CYS A 332 -1.09 6.12 19.60
N GLY A 333 0.17 6.52 19.80
CA GLY A 333 0.76 6.79 21.12
C GLY A 333 0.19 8.05 21.75
N ARG A 334 -0.15 9.06 20.92
CA ARG A 334 -0.77 10.30 21.41
C ARG A 334 -2.21 10.01 21.87
N LEU A 335 -2.92 9.16 21.12
CA LEU A 335 -4.30 8.81 21.43
C LEU A 335 -4.40 7.80 22.53
N PHE A 336 -3.53 6.76 22.53
CA PHE A 336 -3.64 5.67 23.49
C PHE A 336 -2.54 5.49 24.54
N GLY A 337 -1.56 6.38 24.56
CA GLY A 337 -0.47 6.34 25.53
C GLY A 337 0.80 5.76 24.96
N GLU A 338 1.94 6.14 25.58
CA GLU A 338 3.29 5.72 25.23
C GLU A 338 3.49 4.20 25.37
N LYS A 339 2.85 3.58 26.40
CA LYS A 339 2.89 2.13 26.64
C LYS A 339 2.31 1.39 25.43
N PHE A 340 1.31 2.00 24.77
CA PHE A 340 0.67 1.46 23.57
C PHE A 340 1.57 1.59 22.35
N ARG A 341 2.29 2.73 22.20
CA ARG A 341 3.24 2.90 21.10
C ARG A 341 4.34 1.81 21.18
N HIS A 342 4.86 1.55 22.39
CA HIS A 342 5.90 0.53 22.63
C HIS A 342 5.44 -0.88 22.32
N PHE A 343 4.16 -1.20 22.67
CA PHE A 343 3.51 -2.47 22.39
C PHE A 343 3.49 -2.69 20.85
N ASN A 344 3.04 -1.67 20.08
CA ASN A 344 2.98 -1.71 18.63
C ASN A 344 4.36 -1.80 17.99
N ALA A 345 5.33 -1.06 18.56
CA ALA A 345 6.73 -1.09 18.13
C ALA A 345 7.27 -2.50 18.31
N LEU A 346 7.02 -3.11 19.50
CA LEU A 346 7.46 -4.47 19.82
C LEU A 346 6.83 -5.53 18.91
N GLY A 347 5.54 -5.40 18.61
CA GLY A 347 4.84 -6.26 17.67
C GLY A 347 5.47 -6.21 16.29
N GLY A 348 5.83 -4.99 15.86
CA GLY A 348 6.51 -4.70 14.61
C GLY A 348 7.84 -5.43 14.46
N TRP A 349 8.61 -5.54 15.57
CA TRP A 349 9.88 -6.25 15.60
C TRP A 349 9.58 -7.73 15.36
N GLY A 350 8.51 -8.25 15.99
CA GLY A 350 8.07 -9.64 15.87
C GLY A 350 7.77 -9.97 14.41
N GLU A 351 7.08 -9.04 13.73
CA GLU A 351 6.69 -9.11 12.33
C GLU A 351 7.94 -9.11 11.42
N LEU A 352 8.99 -8.34 11.80
CA LEU A 352 10.28 -8.30 11.11
C LEU A 352 10.97 -9.65 11.27
N GLN A 353 10.99 -10.20 12.51
CA GLN A 353 11.55 -11.53 12.76
C GLN A 353 10.92 -12.56 11.80
N ASN A 354 9.57 -12.53 11.65
CA ASN A 354 8.85 -13.43 10.75
C ASN A 354 9.29 -13.24 9.29
N SER A 355 9.42 -11.99 8.83
CA SER A 355 9.85 -11.66 7.46
C SER A 355 11.23 -12.22 7.14
N VAL A 356 12.18 -12.02 8.06
CA VAL A 356 13.57 -12.48 7.93
C VAL A 356 13.67 -14.01 7.89
N LYS A 357 12.84 -14.71 8.69
CA LYS A 357 12.77 -16.18 8.74
C LYS A 357 12.24 -16.77 7.40
N THR A 358 11.16 -16.19 6.87
CA THR A 358 10.52 -16.58 5.61
C THR A 358 11.47 -16.49 4.39
N PHE A 359 12.18 -15.35 4.21
CA PHE A 359 13.14 -15.17 3.12
C PHE A 359 14.48 -15.86 3.38
N GLY A 360 14.88 -15.95 4.64
CA GLY A 360 16.18 -16.45 5.08
C GLY A 360 17.03 -15.24 5.43
N GLU A 361 17.84 -15.33 6.50
CA GLU A 361 18.65 -14.20 7.01
C GLU A 361 19.72 -13.56 6.05
N THR A 362 20.01 -14.20 4.91
CA THR A 362 20.97 -13.72 3.92
C THR A 362 20.29 -13.16 2.65
N HIS A 363 18.97 -13.36 2.53
CA HIS A 363 18.21 -12.94 1.35
C HIS A 363 18.32 -11.44 1.05
N PRO A 364 18.62 -11.04 -0.22
CA PRO A 364 18.72 -9.61 -0.54
C PRO A 364 17.48 -8.74 -0.29
N PHE A 365 16.27 -9.33 -0.19
CA PHE A 365 15.03 -8.59 0.10
C PHE A 365 14.90 -8.26 1.61
N THR A 366 15.83 -8.77 2.45
CA THR A 366 15.82 -8.47 3.89
C THR A 366 16.68 -7.25 4.16
N LYS A 367 17.32 -6.72 3.09
CA LYS A 367 18.14 -5.52 3.14
C LYS A 367 17.23 -4.33 3.21
N LEU A 368 17.64 -3.27 3.93
CA LEU A 368 16.86 -2.04 4.03
C LEU A 368 16.85 -1.30 2.68
N VAL A 369 18.02 -1.12 2.08
CA VAL A 369 18.21 -0.51 0.78
C VAL A 369 18.44 -1.68 -0.18
N VAL A 370 17.50 -1.88 -1.12
CA VAL A 370 17.56 -3.01 -2.07
C VAL A 370 18.08 -2.62 -3.45
N ASP A 371 18.41 -3.61 -4.28
CA ASP A 371 18.82 -3.35 -5.66
C ASP A 371 17.71 -3.99 -6.52
N LEU A 372 16.79 -3.19 -7.05
CA LEU A 372 15.67 -3.70 -7.85
C LEU A 372 15.94 -3.92 -9.34
N THR A 373 17.23 -3.90 -9.75
CA THR A 373 17.65 -4.17 -11.12
C THR A 373 17.21 -5.60 -11.41
N ASP A 374 16.31 -5.76 -12.38
CA ASP A 374 15.74 -7.05 -12.81
C ASP A 374 14.83 -7.75 -11.79
N ILE A 375 14.29 -6.98 -10.85
CA ILE A 375 13.36 -7.49 -9.85
C ILE A 375 12.05 -6.73 -9.93
N ASP A 376 10.93 -7.47 -10.11
CA ASP A 376 9.59 -6.89 -10.12
C ASP A 376 9.31 -6.33 -8.69
N PRO A 377 9.05 -5.00 -8.52
CA PRO A 377 8.76 -4.48 -7.16
C PRO A 377 7.65 -5.20 -6.38
N ASP A 378 6.65 -5.80 -7.08
CA ASP A 378 5.54 -6.54 -6.45
C ASP A 378 6.03 -7.81 -5.78
N VAL A 379 7.16 -8.35 -6.28
CA VAL A 379 7.79 -9.56 -5.77
C VAL A 379 8.67 -9.23 -4.52
N ALA A 380 9.35 -8.08 -4.54
CA ALA A 380 10.19 -7.58 -3.45
C ALA A 380 9.34 -7.14 -2.23
N TYR A 381 8.13 -6.60 -2.47
CA TYR A 381 7.26 -6.10 -1.39
C TYR A 381 7.13 -7.02 -0.17
N SER A 382 7.35 -6.47 1.05
CA SER A 382 7.24 -7.18 2.34
C SER A 382 7.20 -6.22 3.52
N SER A 383 7.20 -6.79 4.75
CA SER A 383 7.26 -6.08 6.04
C SER A 383 8.63 -5.46 6.27
N VAL A 384 9.67 -5.88 5.52
CA VAL A 384 11.04 -5.38 5.68
C VAL A 384 11.18 -3.84 5.64
N PRO A 385 10.80 -3.13 4.55
CA PRO A 385 10.97 -1.66 4.55
C PRO A 385 10.21 -0.93 5.67
N TYR A 386 9.04 -1.50 6.06
CA TYR A 386 8.18 -0.97 7.12
C TYR A 386 8.86 -1.14 8.48
N GLU A 387 9.18 -2.40 8.82
CA GLU A 387 9.73 -2.76 10.11
C GLU A 387 11.21 -2.55 10.34
N LYS A 388 12.04 -2.81 9.34
CA LYS A 388 13.47 -2.57 9.52
C LYS A 388 13.71 -1.06 9.46
N GLY A 389 12.88 -0.38 8.66
CA GLY A 389 12.84 1.07 8.55
C GLY A 389 12.39 1.68 9.87
N PHE A 390 11.31 1.14 10.47
CA PHE A 390 10.82 1.62 11.78
C PHE A 390 11.89 1.40 12.82
N ALA A 391 12.46 0.17 12.90
CA ALA A 391 13.43 -0.21 13.92
C ALA A 391 14.65 0.70 13.91
N LEU A 392 15.13 1.10 12.70
CA LEU A 392 16.24 2.06 12.53
C LEU A 392 15.92 3.39 13.17
N LEU A 393 14.76 3.97 12.85
CA LEU A 393 14.34 5.24 13.38
C LEU A 393 14.12 5.25 14.88
N PHE A 394 13.53 4.17 15.39
CA PHE A 394 13.27 3.98 16.81
C PHE A 394 14.62 3.83 17.55
N TYR A 395 15.60 3.16 16.92
CA TYR A 395 16.95 3.02 17.47
C TYR A 395 17.61 4.39 17.57
N LEU A 396 17.49 5.24 16.52
CA LEU A 396 18.05 6.60 16.46
C LEU A 396 17.38 7.50 17.49
N GLU A 397 16.04 7.40 17.63
CA GLU A 397 15.25 8.16 18.59
C GLU A 397 15.82 7.95 20.00
N GLN A 398 16.03 6.68 20.39
CA GLN A 398 16.58 6.31 21.70
C GLN A 398 18.04 6.73 21.85
N LEU A 399 18.81 6.63 20.76
CA LEU A 399 20.23 6.99 20.72
C LEU A 399 20.44 8.49 20.79
N LEU A 400 19.53 9.28 20.16
CA LEU A 400 19.63 10.73 20.07
C LEU A 400 18.88 11.54 21.15
N GLY A 401 18.22 10.87 22.07
CA GLY A 401 17.60 11.61 23.17
C GLY A 401 16.11 11.55 23.37
N GLY A 402 15.44 10.60 22.72
CA GLY A 402 14.01 10.39 22.91
C GLY A 402 13.07 10.92 21.84
N PRO A 403 11.77 10.61 22.02
CA PRO A 403 10.75 11.00 21.02
C PRO A 403 10.63 12.47 20.69
N GLU A 404 10.75 13.36 21.70
CA GLU A 404 10.61 14.79 21.51
C GLU A 404 11.71 15.35 20.61
N ILE A 405 12.96 14.93 20.84
CA ILE A 405 14.11 15.35 20.02
C ILE A 405 13.96 14.81 18.58
N PHE A 406 13.66 13.51 18.44
CA PHE A 406 13.52 12.90 17.12
C PHE A 406 12.33 13.39 16.31
N LEU A 407 11.21 13.80 16.97
CA LEU A 407 10.05 14.35 16.27
C LEU A 407 10.40 15.71 15.66
N GLY A 408 11.32 16.42 16.31
CA GLY A 408 11.85 17.70 15.83
C GLY A 408 12.63 17.51 14.56
N PHE A 409 13.37 16.36 14.44
CA PHE A 409 14.12 16.03 13.24
C PHE A 409 13.16 15.71 12.09
N LEU A 410 12.11 14.91 12.40
CA LEU A 410 11.09 14.49 11.45
C LEU A 410 10.33 15.64 10.82
N LYS A 411 9.93 16.62 11.63
CA LYS A 411 9.24 17.81 11.15
C LYS A 411 10.18 18.59 10.21
N ALA A 412 11.44 18.77 10.63
CA ALA A 412 12.46 19.46 9.85
C ALA A 412 12.80 18.71 8.56
N TYR A 413 12.70 17.37 8.57
CA TYR A 413 12.97 16.49 7.43
C TYR A 413 11.92 16.67 6.34
N VAL A 414 10.65 16.67 6.75
CA VAL A 414 9.50 16.89 5.87
C VAL A 414 9.60 18.29 5.25
N GLU A 415 9.90 19.33 6.06
CA GLU A 415 10.03 20.72 5.59
C GLU A 415 11.17 20.88 4.56
N LYS A 416 12.35 20.30 4.87
CA LYS A 416 13.51 20.32 4.01
C LYS A 416 13.24 19.63 2.65
N PHE A 417 12.55 18.48 2.68
CA PHE A 417 12.35 17.72 1.45
C PHE A 417 10.97 17.72 0.78
N SER A 418 10.05 18.58 1.25
CA SER A 418 8.71 18.73 0.68
C SER A 418 8.74 18.98 -0.82
N TYR A 419 7.87 18.24 -1.57
CA TYR A 419 7.72 18.32 -3.02
C TYR A 419 8.95 17.82 -3.77
N LYS A 420 9.81 17.08 -3.08
CA LYS A 420 11.00 16.52 -3.67
C LYS A 420 11.02 15.00 -3.58
N SER A 421 11.84 14.38 -4.41
CA SER A 421 12.10 12.93 -4.45
C SER A 421 13.54 12.79 -3.99
N ILE A 422 13.79 11.92 -3.00
CA ILE A 422 15.09 11.72 -2.35
C ILE A 422 15.60 10.27 -2.24
N THR A 423 16.90 10.11 -1.92
CA THR A 423 17.58 8.82 -1.72
C THR A 423 18.02 8.71 -0.26
N THR A 424 18.50 7.51 0.15
CA THR A 424 19.00 7.23 1.50
C THR A 424 20.15 8.16 1.88
N ASP A 425 21.12 8.40 0.95
CA ASP A 425 22.23 9.35 1.14
C ASP A 425 21.71 10.73 1.47
N ASP A 426 20.65 11.20 0.79
CA ASP A 426 20.02 12.51 1.09
C ASP A 426 19.51 12.55 2.52
N TRP A 427 18.78 11.51 2.95
CA TRP A 427 18.23 11.41 4.29
C TRP A 427 19.34 11.38 5.36
N LYS A 428 20.40 10.56 5.12
CA LYS A 428 21.55 10.38 6.02
C LYS A 428 22.33 11.68 6.22
N ASP A 429 22.52 12.43 5.10
CA ASP A 429 23.23 13.70 5.04
C ASP A 429 22.52 14.75 5.88
N PHE A 430 21.19 14.83 5.75
CA PHE A 430 20.38 15.76 6.52
C PHE A 430 20.31 15.34 7.98
N LEU A 431 20.29 14.03 8.29
CA LEU A 431 20.27 13.53 9.67
C LEU A 431 21.53 14.01 10.43
N TYR A 432 22.69 13.89 9.76
CA TYR A 432 23.99 14.33 10.24
C TYR A 432 24.06 15.85 10.34
N SER A 433 23.48 16.57 9.36
CA SER A 433 23.43 18.03 9.37
C SER A 433 22.55 18.49 10.58
N TYR A 434 21.36 17.90 10.71
CA TYR A 434 20.43 18.20 11.80
C TYR A 434 21.00 17.86 13.19
N PHE A 435 21.67 16.71 13.29
CA PHE A 435 22.29 16.26 14.55
C PHE A 435 23.79 16.53 14.67
N LYS A 436 24.31 17.60 14.01
CA LYS A 436 25.74 17.99 14.02
C LYS A 436 26.41 17.99 15.42
N ASP A 437 25.66 18.35 16.47
CA ASP A 437 26.14 18.38 17.86
C ASP A 437 26.12 16.98 18.51
N LYS A 438 25.66 15.96 17.77
CA LYS A 438 25.60 14.57 18.19
C LYS A 438 26.18 13.62 17.11
N VAL A 439 27.13 14.13 16.28
CA VAL A 439 27.82 13.39 15.21
C VAL A 439 28.60 12.19 15.79
N ASP A 440 29.27 12.38 16.95
CA ASP A 440 30.00 11.31 17.65
C ASP A 440 29.05 10.18 17.99
N VAL A 441 27.80 10.52 18.38
CA VAL A 441 26.77 9.50 18.68
C VAL A 441 26.36 8.77 17.40
N LEU A 442 26.10 9.53 16.31
CA LEU A 442 25.76 9.01 15.00
C LEU A 442 26.84 8.11 14.40
N ASN A 443 28.13 8.44 14.67
CA ASN A 443 29.27 7.63 14.20
C ASN A 443 29.38 6.24 14.87
N GLN A 444 28.56 5.97 15.91
CA GLN A 444 28.52 4.67 16.60
C GLN A 444 27.60 3.70 15.87
N VAL A 445 26.66 4.21 15.03
CA VAL A 445 25.72 3.40 14.25
C VAL A 445 26.48 2.59 13.18
N ASP A 446 26.19 1.28 13.09
CA ASP A 446 26.78 0.44 12.06
C ASP A 446 25.91 0.61 10.79
N TRP A 447 26.16 1.70 10.06
CA TRP A 447 25.40 2.15 8.89
C TRP A 447 25.36 1.14 7.78
N ASN A 448 26.52 0.50 7.48
CA ASN A 448 26.62 -0.49 6.42
C ASN A 448 25.78 -1.70 6.74
N ALA A 449 25.74 -2.11 8.03
CA ALA A 449 24.89 -3.23 8.43
C ALA A 449 23.41 -2.80 8.38
N TRP A 450 23.06 -1.66 9.01
CA TRP A 450 21.67 -1.18 9.03
C TRP A 450 21.05 -0.99 7.66
N LEU A 451 21.78 -0.33 6.74
CA LEU A 451 21.28 -0.02 5.40
C LEU A 451 21.49 -1.07 4.33
N TYR A 452 22.68 -1.68 4.28
CA TYR A 452 23.12 -2.60 3.20
C TYR A 452 23.24 -4.10 3.49
N SER A 453 23.06 -4.51 4.75
CA SER A 453 23.17 -5.92 5.10
C SER A 453 21.83 -6.65 5.23
N PRO A 454 21.79 -7.96 4.91
CA PRO A 454 20.56 -8.70 5.08
C PRO A 454 20.37 -9.14 6.55
N GLY A 455 19.21 -9.69 6.85
CA GLY A 455 18.89 -10.22 8.16
C GLY A 455 18.34 -9.23 9.16
N LEU A 456 18.34 -9.66 10.43
CA LEU A 456 17.87 -8.85 11.54
C LEU A 456 18.86 -7.71 11.77
N PRO A 457 18.39 -6.52 12.25
CA PRO A 457 19.31 -5.39 12.45
C PRO A 457 20.41 -5.72 13.46
N PRO A 458 21.58 -5.04 13.43
CA PRO A 458 22.66 -5.40 14.38
C PRO A 458 22.36 -5.06 15.84
N ILE A 459 21.34 -4.22 16.07
CA ILE A 459 20.91 -3.77 17.39
C ILE A 459 19.39 -3.83 17.42
N LYS A 460 18.83 -4.30 18.51
CA LYS A 460 17.40 -4.30 18.77
C LYS A 460 17.15 -3.13 19.73
N PRO A 461 16.23 -2.21 19.39
CA PRO A 461 15.89 -1.12 20.33
C PRO A 461 15.35 -1.63 21.67
N ASN A 462 15.16 -0.71 22.62
CA ASN A 462 14.63 -1.02 23.96
C ASN A 462 13.14 -0.82 23.93
N TYR A 463 12.38 -1.82 24.38
CA TYR A 463 10.93 -1.72 24.40
C TYR A 463 10.35 -1.91 25.76
N ASP A 464 9.35 -1.08 26.09
CA ASP A 464 8.55 -1.22 27.30
C ASP A 464 7.72 -2.50 27.06
N MET A 465 7.62 -3.34 28.10
CA MET A 465 6.97 -4.65 28.06
C MET A 465 5.59 -4.74 28.70
N THR A 466 5.15 -3.70 29.41
CA THR A 466 3.86 -3.69 30.14
C THR A 466 2.70 -4.48 29.51
N LEU A 467 2.30 -4.12 28.29
CA LEU A 467 1.14 -4.72 27.61
C LEU A 467 1.44 -6.04 26.91
N THR A 468 2.71 -6.31 26.62
CA THR A 468 3.16 -7.53 25.97
C THR A 468 3.26 -8.69 26.96
N ASN A 469 3.68 -8.42 28.22
CA ASN A 469 3.91 -9.43 29.25
C ASN A 469 2.84 -10.52 29.39
N ALA A 470 1.56 -10.10 29.42
CA ALA A 470 0.41 -11.03 29.59
C ALA A 470 0.21 -11.92 28.35
N CYS A 471 0.58 -11.42 27.16
CA CYS A 471 0.46 -12.12 25.88
C CYS A 471 1.48 -13.21 25.87
N ILE A 472 2.72 -12.86 26.29
CA ILE A 472 3.87 -13.76 26.37
C ILE A 472 3.55 -14.85 27.36
N ALA A 473 3.07 -14.47 28.57
CA ALA A 473 2.77 -15.44 29.63
C ALA A 473 1.72 -16.43 29.17
N LEU A 474 0.62 -15.95 28.49
CA LEU A 474 -0.42 -16.85 28.00
C LEU A 474 0.09 -17.79 26.90
N SER A 475 0.85 -17.25 25.96
CA SER A 475 1.43 -18.00 24.86
C SER A 475 2.34 -19.12 25.36
N GLN A 476 3.21 -18.80 26.34
CA GLN A 476 4.14 -19.75 26.95
C GLN A 476 3.43 -20.85 27.73
N ARG A 477 2.27 -20.54 28.36
CA ARG A 477 1.45 -21.50 29.10
C ARG A 477 0.94 -22.56 28.10
N TRP A 478 0.55 -22.14 26.90
CA TRP A 478 0.03 -23.01 25.85
C TRP A 478 1.13 -23.84 25.16
N ILE A 479 2.31 -23.25 24.99
CA ILE A 479 3.44 -23.92 24.35
C ILE A 479 4.02 -25.03 25.23
N THR A 480 4.23 -24.73 26.54
CA THR A 480 4.78 -25.62 27.55
C THR A 480 3.77 -26.58 28.15
N ALA A 481 2.47 -26.37 27.88
CA ALA A 481 1.43 -27.27 28.41
C ALA A 481 1.57 -28.65 27.83
N LYS A 482 1.24 -29.67 28.64
CA LYS A 482 1.13 -31.05 28.22
C LYS A 482 -0.38 -31.39 28.28
N GLU A 483 -0.78 -32.58 27.78
CA GLU A 483 -2.19 -33.01 27.78
C GLU A 483 -2.91 -32.77 29.09
N ASP A 484 -2.24 -33.09 30.21
CA ASP A 484 -2.86 -32.96 31.51
C ASP A 484 -3.04 -31.53 32.08
N ASP A 485 -2.52 -30.51 31.35
CA ASP A 485 -2.61 -29.09 31.67
C ASP A 485 -3.74 -28.39 30.91
N LEU A 486 -4.26 -29.00 29.82
CA LEU A 486 -5.32 -28.44 28.97
C LEU A 486 -6.61 -28.06 29.70
N ASN A 487 -6.90 -28.77 30.80
CA ASN A 487 -8.06 -28.51 31.66
C ASN A 487 -7.98 -27.15 32.40
N SER A 488 -6.78 -26.65 32.69
CA SER A 488 -6.55 -25.43 33.44
C SER A 488 -6.96 -24.18 32.68
N PHE A 489 -6.87 -24.23 31.34
CA PHE A 489 -7.28 -23.12 30.48
C PHE A 489 -8.80 -22.92 30.49
N ASN A 490 -9.24 -21.66 30.50
CA ASN A 490 -10.64 -21.27 30.62
C ASN A 490 -10.83 -19.92 29.97
N ALA A 491 -12.07 -19.58 29.53
CA ALA A 491 -12.41 -18.28 28.90
C ALA A 491 -11.91 -17.07 29.72
N THR A 492 -11.68 -17.24 31.04
CA THR A 492 -11.20 -16.20 31.97
C THR A 492 -9.78 -15.79 31.71
N ASP A 493 -9.01 -16.63 31.00
CA ASP A 493 -7.62 -16.30 30.64
C ASP A 493 -7.56 -15.01 29.83
N LEU A 494 -8.63 -14.71 29.05
CA LEU A 494 -8.73 -13.57 28.13
C LEU A 494 -9.41 -12.31 28.67
N LYS A 495 -10.12 -12.43 29.81
CA LYS A 495 -10.93 -11.34 30.40
C LYS A 495 -10.30 -9.93 30.42
N ASP A 496 -8.99 -9.85 30.71
CA ASP A 496 -8.25 -8.61 30.80
C ASP A 496 -7.40 -8.30 29.55
N LEU A 497 -7.61 -9.03 28.46
CA LEU A 497 -6.82 -8.81 27.24
C LEU A 497 -7.65 -8.02 26.24
N SER A 498 -7.03 -7.00 25.61
CA SER A 498 -7.70 -6.22 24.56
C SER A 498 -7.67 -7.02 23.26
N SER A 499 -8.34 -6.53 22.20
CA SER A 499 -8.35 -7.19 20.89
C SER A 499 -6.92 -7.24 20.37
N HIS A 500 -6.14 -6.17 20.66
CA HIS A 500 -4.75 -6.01 20.27
C HIS A 500 -3.90 -7.05 20.99
N GLN A 501 -4.14 -7.24 22.31
CA GLN A 501 -3.42 -8.21 23.13
C GLN A 501 -3.69 -9.66 22.73
N LEU A 502 -4.93 -9.94 22.32
CA LEU A 502 -5.41 -11.23 21.81
C LEU A 502 -4.68 -11.49 20.49
N ASN A 503 -4.57 -10.45 19.64
CA ASN A 503 -3.83 -10.58 18.37
C ASN A 503 -2.35 -10.92 18.67
N GLU A 504 -1.74 -10.22 19.64
CA GLU A 504 -0.36 -10.47 20.04
C GLU A 504 -0.18 -11.85 20.67
N PHE A 505 -1.17 -12.36 21.46
CA PHE A 505 -1.10 -13.73 22.00
C PHE A 505 -1.00 -14.74 20.84
N LEU A 506 -1.81 -14.54 19.79
CA LEU A 506 -1.84 -15.40 18.61
C LEU A 506 -0.59 -15.32 17.78
N ALA A 507 0.02 -14.10 17.63
CA ALA A 507 1.26 -13.92 16.86
C ALA A 507 2.44 -14.60 17.55
N GLN A 508 2.50 -14.53 18.88
CA GLN A 508 3.49 -15.14 19.75
C GLN A 508 3.40 -16.65 19.61
N THR A 509 2.17 -17.21 19.64
CA THR A 509 1.91 -18.65 19.55
C THR A 509 2.26 -19.17 18.17
N LEU A 510 1.82 -18.44 17.12
CA LEU A 510 2.07 -18.73 15.71
C LEU A 510 3.57 -18.81 15.38
N GLN A 511 4.43 -18.05 16.10
CA GLN A 511 5.89 -18.10 15.88
C GLN A 511 6.47 -19.46 16.27
N ARG A 512 5.81 -20.18 17.20
CA ARG A 512 6.21 -21.53 17.63
C ARG A 512 5.33 -22.62 17.00
N ALA A 513 4.53 -22.28 15.98
CA ALA A 513 3.67 -23.27 15.31
C ALA A 513 4.50 -24.31 14.47
N PRO A 514 4.06 -25.59 14.39
CA PRO A 514 2.81 -26.16 14.93
C PRO A 514 2.81 -26.46 16.42
N LEU A 515 1.63 -26.40 17.01
CA LEU A 515 1.38 -26.84 18.38
C LEU A 515 0.68 -28.23 18.23
N PRO A 516 0.55 -29.08 19.28
CA PRO A 516 -0.16 -30.35 19.07
C PRO A 516 -1.64 -30.08 18.77
N LEU A 517 -2.25 -30.91 17.88
CA LEU A 517 -3.65 -30.81 17.45
C LEU A 517 -4.64 -30.68 18.62
N GLY A 518 -4.44 -31.48 19.66
CA GLY A 518 -5.23 -31.44 20.89
C GLY A 518 -5.20 -30.08 21.59
N HIS A 519 -4.06 -29.34 21.52
CA HIS A 519 -3.94 -27.99 22.13
C HIS A 519 -4.82 -26.99 21.38
N ILE A 520 -4.85 -27.08 20.03
CA ILE A 520 -5.65 -26.23 19.15
C ILE A 520 -7.15 -26.55 19.26
N LYS A 521 -7.51 -27.84 19.43
CA LYS A 521 -8.93 -28.18 19.61
C LYS A 521 -9.41 -27.59 20.93
N ARG A 522 -8.54 -27.63 21.98
CA ARG A 522 -8.84 -27.08 23.31
C ARG A 522 -8.94 -25.54 23.28
N MET A 523 -8.04 -24.86 22.52
CA MET A 523 -8.06 -23.40 22.39
C MET A 523 -9.39 -22.93 21.80
N GLN A 524 -9.96 -23.71 20.85
CA GLN A 524 -11.28 -23.41 20.28
C GLN A 524 -12.41 -23.62 21.33
N GLU A 525 -12.33 -24.73 22.08
CA GLU A 525 -13.30 -25.11 23.09
C GLU A 525 -13.46 -24.05 24.21
N VAL A 526 -12.34 -23.45 24.66
CA VAL A 526 -12.36 -22.47 25.77
C VAL A 526 -12.37 -21.01 25.32
N TYR A 527 -11.79 -20.71 24.14
CA TYR A 527 -11.74 -19.32 23.72
C TYR A 527 -12.68 -18.98 22.57
N ASN A 528 -13.21 -20.01 21.84
CA ASN A 528 -14.12 -19.86 20.70
C ASN A 528 -13.59 -18.82 19.70
N PHE A 529 -12.34 -19.02 19.25
CA PHE A 529 -11.72 -18.09 18.30
C PHE A 529 -12.39 -18.10 16.92
N ASN A 530 -13.17 -19.16 16.61
CA ASN A 530 -13.91 -19.30 15.34
C ASN A 530 -15.01 -18.26 15.20
N ALA A 531 -15.50 -17.73 16.34
CA ALA A 531 -16.54 -16.70 16.43
C ALA A 531 -16.03 -15.28 16.14
N ILE A 532 -14.72 -15.01 16.33
CA ILE A 532 -14.13 -13.68 16.13
C ILE A 532 -14.10 -13.30 14.63
N ASN A 533 -14.70 -12.16 14.29
CA ASN A 533 -14.79 -11.68 12.91
C ASN A 533 -13.65 -10.72 12.54
N ASN A 534 -12.92 -10.18 13.55
CA ASN A 534 -11.77 -9.29 13.39
C ASN A 534 -10.76 -10.04 12.49
N SER A 535 -10.55 -9.47 11.29
CA SER A 535 -9.73 -10.07 10.24
C SER A 535 -8.28 -10.38 10.61
N GLU A 536 -7.63 -9.57 11.47
CA GLU A 536 -6.24 -9.81 11.91
C GLU A 536 -6.18 -11.03 12.86
N ILE A 537 -7.15 -11.10 13.78
CA ILE A 537 -7.24 -12.20 14.74
C ILE A 537 -7.60 -13.48 14.02
N ARG A 538 -8.68 -13.43 13.18
CA ARG A 538 -9.17 -14.58 12.42
C ARG A 538 -8.06 -15.16 11.53
N PHE A 539 -7.37 -14.30 10.79
CA PHE A 539 -6.24 -14.70 9.96
C PHE A 539 -5.18 -15.52 10.73
N ARG A 540 -4.63 -14.96 11.85
CA ARG A 540 -3.60 -15.60 12.68
C ARG A 540 -4.09 -16.87 13.33
N TRP A 541 -5.39 -16.90 13.72
CA TRP A 541 -6.01 -18.09 14.30
C TRP A 541 -6.14 -19.22 13.26
N LEU A 542 -6.59 -18.91 12.03
CA LEU A 542 -6.71 -19.91 10.95
C LEU A 542 -5.34 -20.43 10.51
N ARG A 543 -4.32 -19.55 10.46
CA ARG A 543 -2.94 -19.92 10.12
C ARG A 543 -2.44 -20.94 11.15
N LEU A 544 -2.66 -20.65 12.45
CA LEU A 544 -2.28 -21.52 13.56
C LEU A 544 -3.02 -22.91 13.50
N CYS A 545 -4.31 -22.95 13.08
CA CYS A 545 -5.08 -24.18 12.90
C CYS A 545 -4.58 -25.05 11.76
N ILE A 546 -4.26 -24.43 10.61
CA ILE A 546 -3.78 -25.12 9.41
C ILE A 546 -2.37 -25.65 9.61
N GLN A 547 -1.46 -24.82 10.14
CA GLN A 547 -0.07 -25.23 10.41
C GLN A 547 -0.01 -26.34 11.48
N SER A 548 -1.03 -26.39 12.37
CA SER A 548 -1.13 -27.42 13.40
C SER A 548 -1.98 -28.64 12.97
N LYS A 549 -2.33 -28.68 11.65
CA LYS A 549 -3.02 -29.78 10.95
C LYS A 549 -4.49 -30.05 11.33
N TRP A 550 -5.27 -28.99 11.61
CA TRP A 550 -6.68 -29.16 11.95
C TRP A 550 -7.55 -29.09 10.69
N GLU A 551 -8.04 -30.26 10.23
CA GLU A 551 -8.88 -30.40 9.04
C GLU A 551 -10.18 -29.59 9.06
N ASP A 552 -10.74 -29.38 10.26
CA ASP A 552 -11.95 -28.59 10.44
C ASP A 552 -11.71 -27.15 9.99
N ALA A 553 -10.45 -26.67 10.10
CA ALA A 553 -10.08 -25.32 9.71
C ALA A 553 -9.98 -25.11 8.19
N ILE A 554 -9.80 -26.21 7.39
CA ILE A 554 -9.71 -26.16 5.92
C ILE A 554 -10.87 -25.34 5.28
N PRO A 555 -12.19 -25.68 5.45
CA PRO A 555 -13.24 -24.83 4.85
C PRO A 555 -13.21 -23.36 5.28
N LEU A 556 -12.79 -23.08 6.54
CA LEU A 556 -12.71 -21.75 7.11
C LEU A 556 -11.58 -20.90 6.51
N ALA A 557 -10.37 -21.50 6.31
CA ALA A 557 -9.21 -20.80 5.75
C ALA A 557 -9.42 -20.51 4.25
N LEU A 558 -9.99 -21.50 3.51
CA LEU A 558 -10.34 -21.41 2.09
C LEU A 558 -11.35 -20.29 1.85
N LYS A 559 -12.37 -20.18 2.74
CA LYS A 559 -13.41 -19.14 2.70
C LYS A 559 -12.77 -17.74 2.87
N MET A 560 -11.94 -17.56 3.93
CA MET A 560 -11.28 -16.29 4.17
C MET A 560 -10.32 -15.89 3.05
N ALA A 561 -9.61 -16.87 2.45
CA ALA A 561 -8.68 -16.59 1.37
C ALA A 561 -9.36 -16.09 0.10
N THR A 562 -10.61 -16.52 -0.16
CA THR A 562 -11.38 -16.16 -1.37
C THR A 562 -12.46 -15.07 -1.18
N GLU A 563 -13.03 -14.88 0.03
CA GLU A 563 -14.09 -13.87 0.29
C GLU A 563 -13.55 -12.46 0.37
N GLN A 564 -12.27 -12.36 0.65
CA GLN A 564 -11.53 -11.11 0.63
C GLN A 564 -10.23 -11.41 -0.16
N GLY A 565 -9.51 -10.37 -0.54
CA GLY A 565 -8.30 -10.51 -1.33
C GLY A 565 -7.14 -9.66 -0.90
N ARG A 566 -7.14 -9.17 0.37
CA ARG A 566 -6.04 -8.38 0.95
C ARG A 566 -4.84 -9.35 1.08
N MET A 567 -3.77 -9.14 0.27
CA MET A 567 -2.60 -10.03 0.18
C MET A 567 -1.95 -10.49 1.45
N LYS A 568 -1.89 -9.60 2.45
CA LYS A 568 -1.40 -9.84 3.82
C LYS A 568 -2.08 -11.10 4.39
N PHE A 569 -3.37 -11.32 4.03
CA PHE A 569 -4.18 -12.44 4.48
C PHE A 569 -4.27 -13.59 3.43
N THR A 570 -4.69 -13.30 2.20
CA THR A 570 -4.85 -14.26 1.11
C THR A 570 -3.59 -15.09 0.81
N ARG A 571 -2.42 -14.41 0.67
CA ARG A 571 -1.16 -15.07 0.34
C ARG A 571 -0.68 -16.09 1.38
N PRO A 572 -0.53 -15.75 2.69
CA PRO A 572 -0.11 -16.78 3.67
C PRO A 572 -1.19 -17.86 3.89
N LEU A 573 -2.50 -17.57 3.66
CA LEU A 573 -3.54 -18.59 3.85
C LEU A 573 -3.41 -19.67 2.76
N PHE A 574 -3.29 -19.26 1.49
CA PHE A 574 -3.08 -20.14 0.35
C PHE A 574 -1.80 -20.95 0.50
N LYS A 575 -0.70 -20.31 0.95
CA LYS A 575 0.58 -20.99 1.19
C LYS A 575 0.46 -22.01 2.32
N ASP A 576 -0.24 -21.65 3.42
CA ASP A 576 -0.47 -22.57 4.53
C ASP A 576 -1.27 -23.78 4.08
N LEU A 577 -2.39 -23.53 3.35
CA LEU A 577 -3.27 -24.55 2.78
C LEU A 577 -2.54 -25.45 1.75
N ALA A 578 -1.61 -24.87 0.99
CA ALA A 578 -0.83 -25.64 0.02
C ALA A 578 0.21 -26.51 0.75
N ALA A 579 0.77 -26.03 1.89
CA ALA A 579 1.78 -26.77 2.66
C ALA A 579 1.19 -27.88 3.53
N PHE A 580 -0.15 -27.87 3.71
CA PHE A 580 -0.87 -28.87 4.46
C PHE A 580 -1.36 -29.89 3.41
N ASP A 581 -0.91 -31.17 3.56
CA ASP A 581 -1.20 -32.27 2.63
C ASP A 581 -2.68 -32.51 2.38
N LYS A 582 -3.49 -32.44 3.45
CA LYS A 582 -4.95 -32.63 3.42
C LYS A 582 -5.69 -31.55 2.62
N SER A 583 -5.13 -30.33 2.52
CA SER A 583 -5.79 -29.23 1.82
C SER A 583 -5.08 -28.78 0.54
N HIS A 584 -3.89 -29.37 0.25
CA HIS A 584 -3.08 -28.99 -0.91
C HIS A 584 -3.85 -28.94 -2.21
N ASP A 585 -4.53 -30.03 -2.60
CA ASP A 585 -5.26 -30.11 -3.86
C ASP A 585 -6.40 -29.14 -3.94
N GLN A 586 -7.10 -28.92 -2.81
CA GLN A 586 -8.21 -27.96 -2.67
C GLN A 586 -7.71 -26.54 -2.90
N ALA A 587 -6.53 -26.21 -2.34
CA ALA A 587 -5.94 -24.89 -2.44
C ALA A 587 -5.64 -24.57 -3.90
N VAL A 588 -4.99 -25.52 -4.60
CA VAL A 588 -4.64 -25.44 -6.02
C VAL A 588 -5.88 -25.27 -6.91
N ARG A 589 -6.92 -26.09 -6.71
CA ARG A 589 -8.17 -26.03 -7.49
C ARG A 589 -8.94 -24.72 -7.28
N THR A 590 -9.00 -24.24 -6.04
CA THR A 590 -9.67 -23.01 -5.62
C THR A 590 -8.98 -21.83 -6.25
N TYR A 591 -7.64 -21.85 -6.24
CA TYR A 591 -6.87 -20.80 -6.89
C TYR A 591 -7.20 -20.75 -8.39
N GLN A 592 -7.15 -21.92 -9.06
CA GLN A 592 -7.44 -22.10 -10.49
C GLN A 592 -8.85 -21.63 -10.88
N GLU A 593 -9.86 -21.94 -10.04
CA GLU A 593 -11.26 -21.55 -10.25
C GLU A 593 -11.50 -20.06 -10.03
N HIS A 594 -10.70 -19.39 -9.16
CA HIS A 594 -10.86 -17.97 -8.82
C HIS A 594 -9.93 -17.01 -9.57
N LYS A 595 -8.80 -17.54 -10.09
CA LYS A 595 -7.78 -16.81 -10.85
C LYS A 595 -8.32 -15.72 -11.80
N ALA A 596 -9.24 -16.08 -12.70
CA ALA A 596 -9.79 -15.15 -13.70
C ALA A 596 -10.57 -13.96 -13.10
N SER A 597 -11.17 -14.12 -11.90
CA SER A 597 -11.93 -13.07 -11.24
C SER A 597 -11.20 -12.39 -10.06
N MET A 598 -9.88 -12.62 -9.94
CA MET A 598 -9.01 -12.04 -8.91
C MET A 598 -8.36 -10.72 -9.38
N HIS A 599 -7.74 -9.97 -8.45
CA HIS A 599 -6.94 -8.80 -8.78
C HIS A 599 -5.70 -9.33 -9.57
N PRO A 600 -5.35 -8.72 -10.73
CA PRO A 600 -4.21 -9.25 -11.55
C PRO A 600 -2.88 -9.50 -10.83
N VAL A 601 -2.50 -8.59 -9.90
CA VAL A 601 -1.26 -8.67 -9.10
C VAL A 601 -1.39 -9.81 -8.07
N THR A 602 -2.57 -9.89 -7.36
CA THR A 602 -2.86 -10.97 -6.39
C THR A 602 -2.82 -12.32 -7.11
N ALA A 603 -3.47 -12.45 -8.28
CA ALA A 603 -3.49 -13.69 -9.08
C ALA A 603 -2.05 -14.10 -9.42
N MET A 604 -1.21 -13.11 -9.78
CA MET A 604 0.17 -13.30 -10.18
C MET A 604 1.00 -13.86 -9.00
N LEU A 605 0.99 -13.16 -7.86
CA LEU A 605 1.73 -13.52 -6.65
C LEU A 605 1.30 -14.85 -6.01
N VAL A 606 -0.04 -15.08 -5.92
CA VAL A 606 -0.58 -16.35 -5.38
C VAL A 606 -0.12 -17.51 -6.26
N GLY A 607 -0.20 -17.34 -7.59
CA GLY A 607 0.30 -18.33 -8.55
C GLY A 607 1.77 -18.69 -8.35
N LYS A 608 2.61 -17.66 -8.08
CA LYS A 608 4.03 -17.82 -7.79
C LYS A 608 4.23 -18.57 -6.48
N ASP A 609 3.55 -18.15 -5.39
CA ASP A 609 3.62 -18.81 -4.06
C ASP A 609 3.20 -20.30 -4.11
N LEU A 610 2.21 -20.62 -4.96
CA LEU A 610 1.65 -21.97 -5.13
C LEU A 610 2.36 -22.76 -6.24
N LYS A 611 3.19 -22.09 -7.07
CA LYS A 611 3.92 -22.70 -8.20
C LYS A 611 2.92 -23.36 -9.20
N VAL A 612 1.82 -22.65 -9.56
CA VAL A 612 0.76 -23.10 -10.46
C VAL A 612 0.81 -22.49 -11.89
N ASP A 613 0.66 -23.37 -12.94
CA ASP A 613 0.67 -23.09 -14.39
C ASP A 613 -0.64 -22.41 -14.86
#